data_3PMI
#
_entry.id   3PMI
#
_cell.length_a   55.044
_cell.length_b   57.716
_cell.length_c   187.072
_cell.angle_alpha   90.00
_cell.angle_beta   90.00
_cell.angle_gamma   90.00
#
_symmetry.space_group_name_H-M   'P 21 21 21'
#
loop_
_entity.id
_entity.type
_entity.pdbx_description
1 polymer 'PWWP domain-containing protein MUM1'
2 non-polymer 'SULFATE ION'
3 non-polymer DI(HYDROXYETHYL)ETHER
4 non-polymer 'UNKNOWN LIGAND'
#
_entity_poly.entity_id   1
_entity_poly.type   'polypeptide(L)'
_entity_poly.pdbx_seq_one_letter_code
;EPRSFEVG(MSE)LVWHKHKKYPFWPAVVKSVRQRDKKASVLYIEGH(MSE)NPK(MSE)KGFTVSLKSLKHFDCKEKQT
LLNQAREDFNQDIGWCVSLITDYRVRLGCGSFAGSFLEYYAADISYPVRKSIQQDVLGTKLPQLSK
;
_entity_poly.pdbx_strand_id   A,B,C,D
#
# COMPACT_ATOMS: atom_id res chain seq x y z
N SER A 4 14.78 12.61 -1.88
CA SER A 4 14.25 11.92 -0.67
C SER A 4 13.23 10.85 -1.07
N PHE A 5 13.64 10.02 -2.03
CA PHE A 5 12.86 8.87 -2.40
C PHE A 5 13.39 7.65 -1.67
N GLU A 6 12.56 7.07 -0.80
CA GLU A 6 12.96 5.90 -0.02
C GLU A 6 12.46 4.60 -0.67
N VAL A 7 13.11 3.48 -0.38
CA VAL A 7 12.70 2.20 -0.98
C VAL A 7 11.33 1.75 -0.46
N GLY A 8 10.44 1.38 -1.39
CA GLY A 8 9.07 0.99 -1.08
C GLY A 8 8.09 2.17 -1.09
N LEU A 10 5.77 5.14 -2.92
CA LEU A 10 4.95 5.22 -4.13
C LEU A 10 5.23 6.51 -4.89
N VAL A 11 5.57 6.37 -6.16
CA VAL A 11 5.92 7.51 -7.01
C VAL A 11 5.18 7.48 -8.36
N TRP A 12 5.31 8.58 -9.11
CA TRP A 12 4.86 8.65 -10.49
C TRP A 12 6.08 8.63 -11.42
N HIS A 13 5.98 7.94 -12.56
CA HIS A 13 6.98 8.04 -13.60
C HIS A 13 6.36 8.16 -15.00
N LYS A 14 6.93 9.01 -15.86
CA LYS A 14 6.49 9.15 -17.26
C LYS A 14 7.49 8.61 -18.27
N HIS A 15 7.13 7.52 -18.94
CA HIS A 15 7.86 7.08 -20.13
C HIS A 15 7.46 8.00 -21.27
N LYS A 16 8.41 8.30 -22.16
CA LYS A 16 8.14 9.14 -23.32
C LYS A 16 6.87 8.68 -24.07
N LYS A 17 6.10 9.64 -24.56
CA LYS A 17 4.81 9.41 -25.24
C LYS A 17 3.68 8.88 -24.33
N TYR A 18 4.02 8.62 -23.07
CA TYR A 18 3.06 8.07 -22.11
C TYR A 18 2.85 9.01 -20.92
N PRO A 19 1.66 8.92 -20.29
CA PRO A 19 1.36 9.76 -19.15
C PRO A 19 2.01 9.23 -17.88
N PHE A 20 2.27 10.12 -16.92
CA PHE A 20 2.74 9.70 -15.61
C PHE A 20 1.92 8.51 -15.11
N TRP A 21 2.63 7.50 -14.63
CA TRP A 21 1.98 6.33 -14.09
C TRP A 21 2.52 6.07 -12.68
N PRO A 22 1.68 5.55 -11.78
CA PRO A 22 2.25 5.24 -10.48
C PRO A 22 3.21 4.05 -10.53
N ALA A 23 4.03 3.94 -9.48
CA ALA A 23 5.10 2.95 -9.38
C ALA A 23 5.55 2.84 -7.93
N VAL A 24 6.35 1.82 -7.66
CA VAL A 24 6.97 1.62 -6.38
C VAL A 24 8.48 1.59 -6.57
N VAL A 25 9.19 2.16 -5.61
CA VAL A 25 10.63 2.26 -5.62
C VAL A 25 11.23 0.95 -5.07
N LYS A 26 12.23 0.39 -5.76
CA LYS A 26 12.87 -0.87 -5.36
C LYS A 26 14.33 -0.67 -5.01
N SER A 27 15.06 0.09 -5.82
CA SER A 27 16.42 0.52 -5.48
C SER A 27 16.49 2.04 -5.58
N VAL A 28 17.32 2.63 -4.72
CA VAL A 28 17.62 4.05 -4.80
C VAL A 28 19.11 4.21 -4.71
N ARG A 29 19.69 4.88 -5.69
CA ARG A 29 21.11 5.21 -5.68
C ARG A 29 21.26 6.70 -5.24
N GLN A 30 20.85 6.91 -3.98
CA GLN A 30 20.73 8.21 -3.29
C GLN A 30 21.85 9.19 -3.58
N ARG A 31 23.08 8.70 -3.51
CA ARG A 31 24.27 9.54 -3.63
C ARG A 31 24.70 9.87 -5.07
N ASP A 32 23.90 9.47 -6.06
CA ASP A 32 24.19 9.82 -7.47
C ASP A 32 22.97 9.89 -8.42
N LYS A 33 21.87 10.40 -7.88
CA LYS A 33 20.73 10.94 -8.66
C LYS A 33 19.82 9.96 -9.42
N LYS A 34 20.03 8.65 -9.24
CA LYS A 34 19.23 7.62 -9.92
C LYS A 34 18.51 6.67 -8.95
N ALA A 35 17.38 6.11 -9.39
CA ALA A 35 16.62 5.11 -8.63
C ALA A 35 16.10 3.98 -9.53
N SER A 36 15.47 3.00 -8.89
CA SER A 36 14.95 1.84 -9.58
C SER A 36 13.51 1.65 -9.15
N VAL A 37 12.66 1.32 -10.11
CA VAL A 37 11.25 1.54 -9.95
C VAL A 37 10.48 0.46 -10.70
N LEU A 38 9.28 0.15 -10.24
CA LEU A 38 8.45 -0.83 -10.92
C LEU A 38 7.02 -0.32 -10.97
N TYR A 39 6.42 -0.32 -12.14
CA TYR A 39 5.06 0.16 -12.31
C TYR A 39 4.03 -0.68 -11.57
N ILE A 40 3.13 0.01 -10.86
CA ILE A 40 1.96 -0.62 -10.30
C ILE A 40 0.97 -0.72 -11.44
N GLU A 41 0.45 -1.92 -11.69
CA GLU A 41 -0.61 -2.11 -12.67
C GLU A 41 -1.43 -3.34 -12.31
N GLY A 42 -2.61 -3.48 -12.89
CA GLY A 42 -3.56 -4.51 -12.45
C GLY A 42 -2.98 -5.89 -12.35
N HIS A 43 -2.29 -6.32 -13.40
CA HIS A 43 -1.59 -7.57 -13.36
C HIS A 43 -0.13 -7.19 -13.46
N ASN A 45 4.03 -8.63 -12.10
CA ASN A 45 4.91 -9.43 -11.27
C ASN A 45 5.62 -8.53 -10.26
N PRO A 46 5.39 -8.76 -8.95
CA PRO A 46 6.06 -7.92 -7.95
C PRO A 46 7.54 -8.34 -7.73
N LYS A 47 8.00 -9.35 -8.47
CA LYS A 47 9.34 -9.85 -8.30
C LYS A 47 10.21 -9.55 -9.52
N LYS A 49 12.44 -7.35 -11.65
CA LYS A 49 13.44 -6.38 -11.20
C LYS A 49 13.03 -4.97 -11.63
N GLY A 50 13.52 -3.95 -10.93
CA GLY A 50 13.15 -2.57 -11.28
C GLY A 50 13.97 -1.93 -12.40
N PHE A 51 13.32 -1.41 -13.42
CA PHE A 51 14.02 -0.68 -14.49
C PHE A 51 14.49 0.71 -14.01
N THR A 52 15.60 1.17 -14.57
CA THR A 52 16.30 2.36 -14.04
C THR A 52 15.73 3.71 -14.48
N VAL A 53 15.59 4.62 -13.51
CA VAL A 53 15.20 6.00 -13.76
C VAL A 53 16.12 6.96 -13.01
N SER A 54 15.84 8.25 -13.10
CA SER A 54 16.60 9.24 -12.34
C SER A 54 15.68 9.98 -11.37
N LEU A 55 16.14 10.18 -10.14
CA LEU A 55 15.40 10.90 -9.11
C LEU A 55 14.62 12.09 -9.65
N LYS A 56 15.26 12.88 -10.52
CA LYS A 56 14.68 14.12 -11.04
C LYS A 56 13.37 13.88 -11.77
N SER A 57 13.20 12.69 -12.33
CA SER A 57 12.01 12.37 -13.12
C SER A 57 10.84 11.75 -12.33
N LEU A 58 11.03 11.59 -11.01
CA LEU A 58 9.98 11.06 -10.15
C LEU A 58 9.22 12.13 -9.36
N LYS A 59 7.90 12.08 -9.46
CA LYS A 59 7.02 12.80 -8.54
C LYS A 59 6.60 11.84 -7.44
N HIS A 60 6.49 12.33 -6.20
CA HIS A 60 5.89 11.52 -5.15
C HIS A 60 4.42 11.29 -5.47
N PHE A 61 3.90 10.13 -5.09
CA PHE A 61 2.52 9.79 -5.40
C PHE A 61 1.54 10.82 -4.86
N ASP A 62 1.81 11.28 -3.64
CA ASP A 62 0.94 12.22 -2.98
C ASP A 62 1.46 13.66 -3.10
N CYS A 63 1.81 14.04 -4.32
CA CYS A 63 2.22 15.41 -4.63
C CYS A 63 0.98 16.25 -4.89
N LYS A 64 1.13 17.56 -4.99
CA LYS A 64 0.00 18.45 -5.31
C LYS A 64 -0.65 18.10 -6.66
N GLU A 65 0.16 17.66 -7.62
CA GLU A 65 -0.28 17.39 -8.99
C GLU A 65 -1.19 16.15 -9.12
N LYS A 66 -1.38 15.41 -8.03
CA LYS A 66 -1.98 14.07 -8.07
C LYS A 66 -3.26 13.98 -8.90
N GLN A 67 -4.25 14.78 -8.53
CA GLN A 67 -5.56 14.78 -9.20
C GLN A 67 -5.45 15.04 -10.70
N THR A 68 -4.66 16.03 -11.10
CA THR A 68 -4.36 16.26 -12.51
C THR A 68 -3.77 15.00 -13.15
N LEU A 69 -2.78 14.40 -12.50
CA LEU A 69 -2.04 13.27 -13.07
C LEU A 69 -2.94 12.08 -13.29
N LEU A 70 -3.85 11.87 -12.33
CA LEU A 70 -4.84 10.79 -12.38
C LEU A 70 -5.89 10.98 -13.46
N ASN A 71 -6.34 12.22 -13.69
CA ASN A 71 -7.25 12.47 -14.79
C ASN A 71 -6.60 12.21 -16.11
N GLN A 72 -5.34 12.61 -16.23
CA GLN A 72 -4.59 12.50 -17.49
C GLN A 72 -4.54 11.06 -17.91
N ALA A 73 -4.37 10.18 -16.94
CA ALA A 73 -4.33 8.76 -17.16
C ALA A 73 -5.70 8.21 -17.53
N ARG A 74 -6.76 8.84 -17.04
CA ARG A 74 -8.10 8.33 -17.31
C ARG A 74 -8.58 8.65 -18.73
N GLU A 75 -7.77 9.42 -19.47
CA GLU A 75 -8.08 9.73 -20.86
C GLU A 75 -8.16 8.48 -21.72
N ASP A 76 -7.06 7.71 -21.77
CA ASP A 76 -7.06 6.48 -22.55
C ASP A 76 -6.92 5.20 -21.71
N PHE A 77 -6.78 5.35 -20.40
CA PHE A 77 -6.53 4.18 -19.53
C PHE A 77 -7.41 4.18 -18.26
N ASN A 78 -8.71 4.40 -18.45
CA ASN A 78 -9.64 4.49 -17.33
C ASN A 78 -9.66 3.18 -16.54
N GLN A 79 -9.91 2.07 -17.22
CA GLN A 79 -9.95 0.78 -16.57
C GLN A 79 -8.62 0.41 -15.89
N ASP A 80 -7.51 0.88 -16.44
CA ASP A 80 -6.18 0.49 -15.98
C ASP A 80 -5.79 1.31 -14.78
N ILE A 81 -5.96 2.63 -14.90
CA ILE A 81 -5.71 3.49 -13.76
C ILE A 81 -6.66 3.09 -12.62
N GLY A 82 -7.87 2.67 -12.94
CA GLY A 82 -8.78 2.10 -11.96
C GLY A 82 -8.19 0.93 -11.19
N TRP A 83 -7.54 0.02 -11.91
CA TRP A 83 -6.93 -1.12 -11.25
C TRP A 83 -5.83 -0.73 -10.26
N CYS A 84 -5.02 0.27 -10.60
CA CYS A 84 -4.07 0.85 -9.66
C CYS A 84 -4.75 1.39 -8.42
N VAL A 85 -5.70 2.28 -8.60
CA VAL A 85 -6.27 2.96 -7.48
C VAL A 85 -6.91 1.92 -6.56
N SER A 86 -7.52 0.90 -7.16
CA SER A 86 -8.06 -0.18 -6.34
C SER A 86 -6.99 -0.77 -5.45
N LEU A 87 -5.85 -1.17 -6.03
CA LEU A 87 -4.81 -1.87 -5.27
C LEU A 87 -4.20 -0.96 -4.20
N ILE A 88 -3.73 0.21 -4.62
CA ILE A 88 -3.13 1.18 -3.72
C ILE A 88 -4.09 1.57 -2.60
N THR A 89 -5.37 1.73 -2.95
CA THR A 89 -6.34 2.12 -1.96
C THR A 89 -6.58 0.96 -1.03
N ASP A 90 -6.71 -0.26 -1.57
CA ASP A 90 -6.95 -1.40 -0.72
C ASP A 90 -5.77 -1.62 0.22
N TYR A 91 -4.56 -1.44 -0.32
CA TYR A 91 -3.34 -1.57 0.46
C TYR A 91 -3.34 -0.55 1.61
N ARG A 92 -3.65 0.71 1.32
CA ARG A 92 -3.68 1.74 2.36
C ARG A 92 -4.76 1.52 3.44
N VAL A 93 -5.83 0.80 3.11
CA VAL A 93 -6.81 0.45 4.12
C VAL A 93 -6.26 -0.56 5.10
N ARG A 94 -5.68 -1.65 4.59
CA ARG A 94 -5.08 -2.69 5.43
C ARG A 94 -4.07 -2.06 6.36
N LEU A 95 -3.25 -1.19 5.79
CA LEU A 95 -2.25 -0.49 6.54
C LEU A 95 -2.91 0.36 7.63
N GLY A 96 -3.82 1.22 7.22
CA GLY A 96 -4.37 2.22 8.14
C GLY A 96 -5.32 1.66 9.17
N CYS A 97 -6.13 0.68 8.79
CA CYS A 97 -7.02 0.01 9.72
C CYS A 97 -6.33 -1.18 10.39
N GLY A 98 -4.99 -1.18 10.42
CA GLY A 98 -4.17 -2.12 11.19
C GLY A 98 -4.04 -3.57 10.74
N SER A 99 -4.89 -3.99 9.82
CA SER A 99 -4.93 -5.36 9.34
C SER A 99 -3.66 -5.90 8.65
N PHE A 100 -2.68 -5.02 8.37
CA PHE A 100 -1.45 -5.40 7.63
C PHE A 100 -0.41 -4.30 7.78
N ALA A 101 0.88 -4.68 7.64
CA ALA A 101 2.01 -3.76 7.90
C ALA A 101 3.20 -3.76 6.89
N GLY A 102 3.24 -4.72 5.98
CA GLY A 102 4.35 -4.82 5.03
C GLY A 102 4.35 -3.80 3.90
N SER A 103 5.04 -4.12 2.82
CA SER A 103 5.19 -3.19 1.71
C SER A 103 4.15 -3.46 0.65
N PHE A 104 3.93 -2.47 -0.23
CA PHE A 104 2.97 -2.64 -1.32
C PHE A 104 3.19 -3.95 -2.06
N LEU A 105 4.44 -4.24 -2.41
CA LEU A 105 4.72 -5.48 -3.14
C LEU A 105 4.34 -6.70 -2.31
N GLU A 106 4.67 -6.69 -1.01
CA GLU A 106 4.23 -7.77 -0.11
C GLU A 106 2.70 -7.87 -0.07
N TYR A 107 2.02 -6.73 -0.08
CA TYR A 107 0.57 -6.74 -0.20
C TYR A 107 0.14 -7.54 -1.44
N TYR A 108 0.73 -7.22 -2.60
CA TYR A 108 0.34 -7.83 -3.90
C TYR A 108 0.57 -9.34 -3.93
N ALA A 109 1.56 -9.83 -3.18
CA ALA A 109 1.89 -11.24 -3.19
C ALA A 109 1.09 -12.03 -2.15
N ALA A 110 0.68 -11.34 -1.07
CA ALA A 110 -0.08 -11.98 0.01
C ALA A 110 -1.52 -12.28 -0.39
N ASP A 111 -2.11 -13.21 0.36
CA ASP A 111 -3.50 -13.64 0.25
C ASP A 111 -4.53 -12.56 0.57
N ILE A 112 -4.11 -11.44 1.16
CA ILE A 112 -5.08 -10.40 1.47
C ILE A 112 -5.43 -9.54 0.28
N SER A 113 -4.58 -9.55 -0.76
CA SER A 113 -4.89 -8.86 -2.02
C SER A 113 -5.92 -9.63 -2.81
N TYR A 114 -6.01 -10.93 -2.57
CA TYR A 114 -6.89 -11.78 -3.36
C TYR A 114 -8.22 -11.10 -3.78
N PRO A 115 -9.07 -10.71 -2.80
CA PRO A 115 -10.36 -10.10 -3.15
C PRO A 115 -10.28 -8.95 -4.16
N VAL A 116 -9.11 -8.33 -4.32
CA VAL A 116 -9.00 -7.17 -5.22
C VAL A 116 -8.40 -7.62 -6.52
N ARG A 117 -7.38 -8.47 -6.43
CA ARG A 117 -6.80 -9.05 -7.63
C ARG A 117 -7.87 -9.84 -8.40
N LYS A 118 -8.81 -10.45 -7.67
CA LYS A 118 -9.88 -11.18 -8.31
C LYS A 118 -10.66 -10.21 -9.18
N SER A 119 -11.23 -9.16 -8.59
CA SER A 119 -12.00 -8.18 -9.39
C SER A 119 -11.23 -7.73 -10.63
N ILE A 120 -9.96 -7.37 -10.46
CA ILE A 120 -9.13 -6.97 -11.59
C ILE A 120 -9.01 -8.09 -12.61
N GLN A 121 -8.28 -9.14 -12.24
CA GLN A 121 -8.00 -10.28 -13.15
C GLN A 121 -9.25 -10.73 -13.90
N GLN A 122 -10.39 -10.84 -13.21
CA GLN A 122 -11.63 -11.19 -13.88
C GLN A 122 -12.15 -10.07 -14.77
N ASP A 123 -12.00 -8.79 -14.34
CA ASP A 123 -12.50 -7.64 -15.14
C ASP A 123 -11.97 -7.69 -16.56
N VAL A 124 -10.78 -8.25 -16.73
CA VAL A 124 -10.29 -8.76 -18.02
C VAL A 124 -11.20 -9.92 -18.52
N LEU A 125 -12.54 -9.73 -18.36
CA LEU A 125 -13.57 -10.73 -18.71
C LEU A 125 -14.97 -10.10 -18.84
N SER B 4 7.59 -7.37 -46.74
CA SER B 4 6.87 -8.66 -46.42
C SER B 4 5.85 -8.48 -45.29
N PHE B 5 5.73 -7.26 -44.77
CA PHE B 5 4.92 -7.05 -43.57
C PHE B 5 3.58 -6.40 -43.81
N GLU B 6 2.52 -7.17 -43.60
CA GLU B 6 1.16 -6.69 -43.76
C GLU B 6 0.44 -6.66 -42.44
N VAL B 7 -0.64 -5.89 -42.36
CA VAL B 7 -1.42 -5.77 -41.12
C VAL B 7 -2.01 -7.13 -40.75
N GLY B 8 -2.09 -7.37 -39.44
CA GLY B 8 -2.64 -8.61 -38.88
C GLY B 8 -1.61 -9.71 -38.64
N LEU B 10 1.85 -11.84 -37.54
CA LEU B 10 2.54 -11.96 -36.24
C LEU B 10 4.05 -11.87 -36.41
N VAL B 11 4.70 -11.20 -35.47
CA VAL B 11 6.10 -10.88 -35.60
C VAL B 11 6.81 -10.95 -34.25
N TRP B 12 8.13 -10.81 -34.28
CA TRP B 12 8.92 -10.60 -33.09
C TRP B 12 9.43 -9.16 -33.10
N HIS B 13 9.47 -8.50 -31.95
CA HIS B 13 10.20 -7.23 -31.84
C HIS B 13 10.94 -7.12 -30.53
N LYS B 14 12.20 -6.70 -30.61
CA LYS B 14 13.03 -6.52 -29.43
C LYS B 14 13.13 -5.06 -29.02
N HIS B 15 12.55 -4.74 -27.87
CA HIS B 15 12.81 -3.48 -27.23
C HIS B 15 14.16 -3.56 -26.52
N LYS B 16 14.92 -2.47 -26.53
CA LYS B 16 16.23 -2.42 -25.87
C LYS B 16 16.15 -3.03 -24.46
N LYS B 17 17.19 -3.78 -24.08
CA LYS B 17 17.26 -4.51 -22.79
C LYS B 17 16.29 -5.69 -22.63
N TYR B 18 15.42 -5.88 -23.63
CA TYR B 18 14.40 -6.93 -23.59
C TYR B 18 14.56 -7.91 -24.76
N PRO B 19 14.13 -9.17 -24.54
CA PRO B 19 14.22 -10.19 -25.60
C PRO B 19 13.12 -10.05 -26.62
N PHE B 20 13.29 -10.65 -27.79
CA PHE B 20 12.21 -10.64 -28.78
C PHE B 20 10.90 -11.11 -28.17
N TRP B 21 9.85 -10.35 -28.40
CA TRP B 21 8.52 -10.73 -27.95
C TRP B 21 7.55 -10.81 -29.15
N PRO B 22 6.66 -11.82 -29.13
CA PRO B 22 5.60 -11.91 -30.12
C PRO B 22 4.72 -10.65 -30.10
N ALA B 23 4.34 -10.21 -31.30
CA ALA B 23 3.54 -8.98 -31.51
C ALA B 23 2.60 -9.13 -32.72
N VAL B 24 1.69 -8.19 -32.87
CA VAL B 24 0.82 -8.22 -34.02
C VAL B 24 0.96 -6.89 -34.75
N VAL B 25 0.85 -6.94 -36.07
CA VAL B 25 1.04 -5.76 -36.92
C VAL B 25 -0.23 -4.93 -37.01
N LYS B 26 -0.22 -3.78 -36.38
CA LYS B 26 -1.39 -2.92 -36.35
C LYS B 26 -1.47 -1.90 -37.49
N SER B 27 -0.32 -1.40 -37.95
CA SER B 27 -0.24 -0.42 -39.04
C SER B 27 1.01 -0.64 -39.88
N VAL B 28 0.97 -0.21 -41.14
CA VAL B 28 2.13 -0.29 -42.03
C VAL B 28 2.37 1.00 -42.83
N ARG B 29 3.43 1.72 -42.47
CA ARG B 29 3.92 2.86 -43.25
C ARG B 29 5.06 2.36 -44.12
N GLN B 30 4.73 1.55 -45.12
CA GLN B 30 5.73 0.86 -45.96
C GLN B 30 6.71 1.82 -46.62
N ARG B 31 6.18 2.94 -47.10
CA ARG B 31 6.96 3.99 -47.75
C ARG B 31 7.88 4.72 -46.76
N ASP B 32 7.56 4.62 -45.47
CA ASP B 32 8.34 5.26 -44.42
C ASP B 32 9.17 4.24 -43.64
N LYS B 33 9.27 3.01 -44.17
CA LYS B 33 10.00 1.90 -43.52
C LYS B 33 9.68 1.72 -42.01
N LYS B 34 8.42 1.89 -41.65
CA LYS B 34 7.95 1.80 -40.27
C LYS B 34 6.61 1.06 -40.11
N ALA B 35 6.30 0.64 -38.89
CA ALA B 35 5.06 -0.06 -38.58
C ALA B 35 4.67 0.17 -37.14
N SER B 36 3.39 0.00 -36.86
CA SER B 36 2.89 0.07 -35.49
C SER B 36 2.49 -1.33 -35.07
N VAL B 37 2.82 -1.66 -33.84
CA VAL B 37 2.85 -3.03 -33.44
C VAL B 37 2.52 -3.19 -31.97
N LEU B 38 1.77 -4.25 -31.65
CA LEU B 38 1.29 -4.51 -30.30
C LEU B 38 1.82 -5.83 -29.79
N TYR B 39 2.61 -5.81 -28.72
CA TYR B 39 3.11 -7.05 -28.12
C TYR B 39 1.98 -7.98 -27.77
N ILE B 40 2.22 -9.28 -27.83
CA ILE B 40 1.19 -10.24 -27.47
C ILE B 40 1.50 -10.78 -26.08
N GLU B 41 0.61 -10.54 -25.14
CA GLU B 41 0.77 -11.12 -23.79
C GLU B 41 -0.58 -11.58 -23.25
N GLY B 42 -0.54 -12.41 -22.22
CA GLY B 42 -1.74 -13.06 -21.69
C GLY B 42 -2.80 -12.03 -21.39
N HIS B 43 -2.38 -10.94 -20.75
CA HIS B 43 -3.24 -9.83 -20.33
C HIS B 43 -2.95 -8.66 -21.25
N ASN B 45 -4.68 -5.51 -24.09
CA ASN B 45 -5.82 -4.76 -24.56
C ASN B 45 -5.78 -4.69 -26.08
N PRO B 46 -6.61 -5.51 -26.75
CA PRO B 46 -6.59 -5.57 -28.22
C PRO B 46 -6.92 -4.22 -28.88
N LYS B 47 -7.74 -3.42 -28.20
CA LYS B 47 -8.10 -2.10 -28.69
C LYS B 47 -6.93 -1.11 -28.63
N LYS B 49 -3.70 1.12 -29.00
CA LYS B 49 -2.96 1.60 -30.16
C LYS B 49 -1.55 1.02 -30.07
N GLY B 50 -0.96 0.68 -31.21
CA GLY B 50 0.33 -0.02 -31.25
C GLY B 50 1.54 0.74 -30.71
N PHE B 51 2.68 0.48 -31.32
CA PHE B 51 3.98 0.99 -30.89
C PHE B 51 4.88 1.09 -32.11
N THR B 52 5.39 2.28 -32.40
CA THR B 52 6.13 2.50 -33.65
C THR B 52 7.52 1.92 -33.59
N VAL B 53 7.87 1.14 -34.62
CA VAL B 53 9.15 0.45 -34.70
C VAL B 53 9.73 0.50 -36.12
N SER B 54 11.01 0.15 -36.24
CA SER B 54 11.63 -0.06 -37.54
C SER B 54 11.17 -1.39 -38.13
N LEU B 55 10.72 -1.36 -39.38
CA LEU B 55 10.37 -2.59 -40.10
C LEU B 55 11.55 -3.54 -40.19
N LYS B 56 12.74 -2.97 -40.42
CA LYS B 56 13.98 -3.74 -40.38
C LYS B 56 14.20 -4.43 -39.04
N SER B 57 13.59 -3.90 -37.97
CA SER B 57 13.75 -4.47 -36.64
C SER B 57 12.65 -5.51 -36.28
N LEU B 58 11.98 -6.03 -37.30
CA LEU B 58 10.91 -7.01 -37.14
C LEU B 58 11.28 -8.35 -37.73
N LYS B 59 10.79 -9.44 -37.12
CA LYS B 59 10.95 -10.78 -37.71
C LYS B 59 9.59 -11.45 -37.77
N HIS B 60 9.31 -12.19 -38.83
CA HIS B 60 8.06 -12.91 -38.92
C HIS B 60 8.06 -13.97 -37.86
N PHE B 61 6.91 -14.18 -37.24
CA PHE B 61 6.78 -15.12 -36.14
C PHE B 61 7.31 -16.53 -36.47
N ASP B 62 7.11 -16.96 -37.71
CA ASP B 62 7.52 -18.29 -38.12
C ASP B 62 8.82 -18.31 -38.89
N CYS B 63 9.72 -17.39 -38.56
CA CYS B 63 11.06 -17.37 -39.15
C CYS B 63 11.87 -18.63 -38.77
N LYS B 64 13.09 -18.74 -39.29
CA LYS B 64 13.91 -19.92 -39.01
C LYS B 64 14.28 -20.01 -37.53
N GLU B 65 14.51 -18.86 -36.90
CA GLU B 65 15.07 -18.84 -35.55
C GLU B 65 14.04 -18.70 -34.41
N LYS B 66 12.79 -19.00 -34.73
CA LYS B 66 11.68 -18.86 -33.79
C LYS B 66 11.97 -19.59 -32.49
N GLN B 67 12.56 -20.77 -32.59
CA GLN B 67 12.79 -21.60 -31.42
C GLN B 67 13.81 -21.00 -30.42
N THR B 68 14.87 -20.39 -30.95
CA THR B 68 15.86 -19.70 -30.14
C THR B 68 15.21 -18.56 -29.36
N LEU B 69 14.36 -17.81 -30.07
CA LEU B 69 13.67 -16.69 -29.49
C LEU B 69 12.70 -17.15 -28.41
N LEU B 70 12.02 -18.26 -28.66
CA LEU B 70 11.20 -18.91 -27.63
C LEU B 70 12.05 -19.32 -26.44
N ASN B 71 13.26 -19.81 -26.70
CA ASN B 71 14.17 -20.21 -25.65
C ASN B 71 14.71 -19.05 -24.83
N GLN B 72 15.05 -17.97 -25.51
CA GLN B 72 15.61 -16.81 -24.83
C GLN B 72 14.56 -16.11 -23.99
N ALA B 73 13.34 -16.06 -24.48
CA ALA B 73 12.22 -15.48 -23.75
C ALA B 73 11.85 -16.31 -22.53
N ARG B 74 12.06 -17.62 -22.60
CA ARG B 74 11.76 -18.45 -21.47
C ARG B 74 12.78 -18.29 -20.36
N GLU B 75 13.98 -17.83 -20.70
CA GLU B 75 15.06 -17.68 -19.73
C GLU B 75 14.56 -16.85 -18.57
N ASP B 76 13.94 -15.72 -18.87
CA ASP B 76 13.48 -14.85 -17.80
C ASP B 76 11.97 -14.87 -17.63
N PHE B 77 11.24 -15.00 -18.73
CA PHE B 77 9.79 -14.87 -18.67
C PHE B 77 9.12 -16.13 -19.15
N ASN B 78 9.47 -17.26 -18.52
CA ASN B 78 8.92 -18.54 -18.91
C ASN B 78 7.43 -18.55 -18.99
N GLN B 79 6.77 -18.06 -17.95
CA GLN B 79 5.31 -18.11 -17.86
C GLN B 79 4.62 -17.13 -18.80
N ASP B 80 5.19 -15.93 -18.92
CA ASP B 80 4.66 -14.89 -19.79
C ASP B 80 4.62 -15.38 -21.21
N ILE B 81 5.75 -15.92 -21.67
CA ILE B 81 5.84 -16.40 -23.03
C ILE B 81 4.87 -17.58 -23.26
N GLY B 82 4.68 -18.40 -22.23
CA GLY B 82 3.75 -19.51 -22.28
C GLY B 82 2.31 -19.11 -22.53
N TRP B 83 1.91 -17.96 -21.98
CA TRP B 83 0.59 -17.42 -22.24
C TRP B 83 0.46 -16.98 -23.72
N CYS B 84 1.48 -16.30 -24.24
CA CYS B 84 1.50 -15.94 -25.65
C CYS B 84 1.40 -17.19 -26.50
N VAL B 85 2.22 -18.18 -26.21
CA VAL B 85 2.19 -19.43 -26.97
C VAL B 85 0.83 -20.13 -26.83
N SER B 86 0.23 -20.02 -25.65
CA SER B 86 -1.05 -20.63 -25.47
C SER B 86 -2.12 -19.95 -26.31
N LEU B 87 -2.04 -18.61 -26.37
CA LEU B 87 -3.01 -17.80 -27.10
C LEU B 87 -2.85 -18.01 -28.60
N ILE B 88 -1.61 -17.95 -29.07
CA ILE B 88 -1.33 -18.05 -30.49
C ILE B 88 -1.66 -19.43 -31.04
N THR B 89 -1.45 -20.45 -30.25
CA THR B 89 -1.63 -21.80 -30.74
C THR B 89 -3.08 -22.14 -30.75
N ASP B 90 -3.79 -21.79 -29.68
CA ASP B 90 -5.22 -21.98 -29.66
C ASP B 90 -5.84 -21.21 -30.85
N TYR B 91 -5.28 -20.05 -31.16
CA TYR B 91 -5.82 -19.26 -32.23
C TYR B 91 -5.70 -20.01 -33.55
N ARG B 92 -4.53 -20.58 -33.77
CA ARG B 92 -4.23 -21.28 -34.99
C ARG B 92 -5.05 -22.55 -35.13
N VAL B 93 -5.30 -23.24 -34.02
CA VAL B 93 -6.19 -24.40 -34.04
C VAL B 93 -7.57 -23.95 -34.52
N ARG B 94 -8.05 -22.84 -33.98
CA ARG B 94 -9.33 -22.28 -34.40
C ARG B 94 -9.34 -22.17 -35.94
N LEU B 95 -8.38 -21.42 -36.49
CA LEU B 95 -8.22 -21.26 -37.92
C LEU B 95 -8.20 -22.60 -38.66
N GLY B 96 -7.17 -23.39 -38.38
CA GLY B 96 -6.85 -24.62 -39.09
C GLY B 96 -7.88 -25.72 -39.05
N CYS B 97 -8.70 -25.73 -38.00
CA CYS B 97 -9.76 -26.71 -37.90
C CYS B 97 -11.14 -26.18 -38.26
N GLY B 98 -11.22 -24.91 -38.68
CA GLY B 98 -12.42 -24.33 -39.30
C GLY B 98 -13.32 -23.48 -38.42
N SER B 99 -13.20 -23.63 -37.10
CA SER B 99 -14.10 -22.94 -36.16
C SER B 99 -14.11 -21.41 -36.33
N PHE B 100 -12.95 -20.84 -36.62
CA PHE B 100 -12.77 -19.40 -36.64
C PHE B 100 -12.21 -18.94 -37.97
N ALA B 101 -12.70 -17.79 -38.40
CA ALA B 101 -12.14 -17.12 -39.56
C ALA B 101 -12.10 -15.65 -39.19
N GLY B 102 -10.96 -15.24 -38.64
CA GLY B 102 -10.82 -13.94 -38.00
C GLY B 102 -9.38 -13.61 -37.66
N SER B 103 -9.13 -12.37 -37.30
CA SER B 103 -7.78 -11.97 -37.00
C SER B 103 -7.45 -12.33 -35.54
N PHE B 104 -6.16 -12.41 -35.24
CA PHE B 104 -5.74 -12.67 -33.88
C PHE B 104 -6.44 -11.76 -32.86
N LEU B 105 -6.54 -10.48 -33.18
CA LEU B 105 -7.16 -9.55 -32.27
C LEU B 105 -8.64 -9.88 -32.15
N GLU B 106 -9.31 -10.13 -33.27
CA GLU B 106 -10.72 -10.58 -33.25
C GLU B 106 -10.86 -11.75 -32.26
N TYR B 107 -9.95 -12.71 -32.39
CA TYR B 107 -9.95 -13.91 -31.57
C TYR B 107 -9.84 -13.65 -30.08
N TYR B 108 -8.87 -12.82 -29.70
CA TYR B 108 -8.67 -12.46 -28.29
C TYR B 108 -9.93 -11.83 -27.66
N ALA B 109 -10.69 -11.08 -28.45
CA ALA B 109 -11.90 -10.43 -27.95
C ALA B 109 -13.15 -11.31 -28.03
N ALA B 110 -13.17 -12.26 -28.96
CA ALA B 110 -14.33 -13.12 -29.13
C ALA B 110 -14.42 -14.12 -27.97
N ASP B 111 -15.64 -14.58 -27.67
CA ASP B 111 -15.87 -15.62 -26.66
C ASP B 111 -15.16 -16.96 -26.93
N ILE B 112 -14.77 -17.18 -28.19
CA ILE B 112 -14.03 -18.36 -28.60
C ILE B 112 -12.75 -18.57 -27.79
N SER B 113 -12.08 -17.46 -27.46
CA SER B 113 -10.82 -17.49 -26.71
C SER B 113 -10.99 -17.54 -25.21
N TYR B 114 -12.24 -17.53 -24.73
CA TYR B 114 -12.53 -17.51 -23.29
C TYR B 114 -11.75 -18.53 -22.45
N PRO B 115 -11.73 -19.82 -22.88
CA PRO B 115 -11.07 -20.83 -22.07
C PRO B 115 -9.58 -20.59 -21.95
N VAL B 116 -8.97 -19.97 -22.95
CA VAL B 116 -7.53 -19.77 -22.85
C VAL B 116 -7.31 -18.60 -21.92
N ARG B 117 -8.24 -17.64 -21.95
CA ARG B 117 -8.13 -16.44 -21.14
C ARG B 117 -8.44 -16.65 -19.66
N LYS B 118 -9.36 -17.56 -19.33
CA LYS B 118 -9.64 -17.89 -17.92
C LYS B 118 -8.49 -18.73 -17.33
N SER B 119 -8.03 -19.71 -18.09
CA SER B 119 -6.92 -20.54 -17.67
C SER B 119 -5.70 -19.68 -17.27
N ILE B 120 -5.64 -18.45 -17.76
CA ILE B 120 -4.58 -17.55 -17.34
C ILE B 120 -4.80 -17.06 -15.92
N GLN B 121 -6.05 -16.65 -15.61
CA GLN B 121 -6.44 -16.30 -14.23
C GLN B 121 -6.04 -17.42 -13.32
N GLN B 122 -6.37 -18.64 -13.73
CA GLN B 122 -5.98 -19.88 -13.00
C GLN B 122 -4.47 -20.07 -12.79
N ASP B 123 -3.66 -19.56 -13.71
CA ASP B 123 -2.20 -19.47 -13.47
C ASP B 123 -1.81 -18.30 -12.59
N VAL B 124 -2.50 -17.16 -12.71
CA VAL B 124 -2.21 -16.01 -11.86
C VAL B 124 -3.04 -16.08 -10.54
N LEU B 125 -3.22 -17.29 -10.01
CA LEU B 125 -3.98 -17.52 -8.75
C LEU B 125 -3.59 -18.82 -8.04
N SER C 4 -32.49 14.12 16.41
CA SER C 4 -33.30 12.97 16.93
C SER C 4 -32.43 11.91 17.63
N PHE C 5 -32.60 11.77 18.94
CA PHE C 5 -31.63 11.07 19.80
C PHE C 5 -31.92 9.58 20.07
N GLU C 6 -30.88 8.76 19.97
CA GLU C 6 -31.00 7.32 20.10
C GLU C 6 -29.93 6.74 21.03
N VAL C 7 -30.26 5.64 21.70
CA VAL C 7 -29.28 4.90 22.51
C VAL C 7 -28.04 4.65 21.64
N GLY C 8 -26.87 5.02 22.17
CA GLY C 8 -25.60 4.70 21.51
C GLY C 8 -24.92 5.91 20.90
N LEU C 10 -23.47 9.67 20.34
CA LEU C 10 -22.69 10.62 21.14
C LEU C 10 -23.30 12.02 21.19
N VAL C 11 -23.31 12.64 22.38
CA VAL C 11 -23.91 13.95 22.60
C VAL C 11 -23.07 14.84 23.48
N TRP C 12 -23.45 16.12 23.57
CA TRP C 12 -22.85 17.04 24.53
C TRP C 12 -23.90 17.37 25.57
N HIS C 13 -23.49 17.52 26.82
CA HIS C 13 -24.40 17.99 27.88
C HIS C 13 -23.63 18.86 28.88
N LYS C 14 -24.32 19.87 29.42
CA LYS C 14 -23.73 20.84 30.34
C LYS C 14 -24.53 20.83 31.61
N HIS C 15 -23.86 20.58 32.74
CA HIS C 15 -24.46 20.79 34.05
C HIS C 15 -24.07 22.14 34.65
N LYS C 16 -25.09 22.93 35.03
CA LYS C 16 -24.90 24.23 35.70
C LYS C 16 -23.79 25.03 35.04
N LYS C 17 -22.75 25.38 35.78
CA LYS C 17 -21.71 26.28 35.24
C LYS C 17 -20.44 25.59 34.70
N TYR C 18 -20.37 24.27 34.80
CA TYR C 18 -19.34 23.48 34.09
C TYR C 18 -19.48 23.57 32.54
N PRO C 19 -18.44 23.14 31.79
CA PRO C 19 -18.54 23.27 30.34
C PRO C 19 -19.36 22.14 29.76
N PHE C 20 -19.82 22.30 28.53
CA PHE C 20 -20.48 21.22 27.83
C PHE C 20 -19.44 20.17 27.70
N TRP C 21 -19.87 18.93 27.95
CA TRP C 21 -18.98 17.81 27.92
C TRP C 21 -19.58 16.65 27.17
N PRO C 22 -18.73 15.86 26.50
CA PRO C 22 -19.28 14.74 25.73
C PRO C 22 -19.85 13.65 26.64
N ALA C 23 -20.82 12.93 26.07
CA ALA C 23 -21.45 11.83 26.75
C ALA C 23 -22.10 10.92 25.72
N VAL C 24 -22.50 9.75 26.16
CA VAL C 24 -23.15 8.80 25.28
C VAL C 24 -24.52 8.47 25.85
N VAL C 25 -25.54 8.49 24.99
CA VAL C 25 -26.92 8.12 25.37
C VAL C 25 -27.06 6.63 25.73
N LYS C 26 -27.43 6.37 26.99
CA LYS C 26 -27.60 5.00 27.50
C LYS C 26 -29.03 4.44 27.36
N SER C 27 -30.02 5.22 27.76
CA SER C 27 -31.40 4.89 27.42
C SER C 27 -32.10 6.14 26.90
N VAL C 28 -33.28 5.95 26.31
CA VAL C 28 -34.18 7.06 25.95
C VAL C 28 -35.65 6.73 26.25
N ARG C 29 -36.29 7.61 27.04
CA ARG C 29 -37.74 7.58 27.22
C ARG C 29 -38.40 8.40 26.08
N GLN C 30 -38.31 7.84 24.88
CA GLN C 30 -38.80 8.42 23.62
C GLN C 30 -39.98 9.37 23.74
N ARG C 31 -41.11 8.85 24.21
CA ARG C 31 -42.36 9.64 24.31
C ARG C 31 -42.54 10.26 25.71
N ASP C 32 -41.42 10.65 26.32
CA ASP C 32 -41.42 11.36 27.60
C ASP C 32 -40.35 12.46 27.53
N LYS C 33 -39.72 12.56 26.37
CA LYS C 33 -38.76 13.63 26.02
C LYS C 33 -37.59 13.72 27.00
N LYS C 34 -37.12 12.55 27.42
CA LYS C 34 -36.00 12.45 28.35
C LYS C 34 -35.11 11.28 27.95
N ALA C 35 -33.83 11.40 28.28
CA ALA C 35 -32.85 10.33 28.08
C ALA C 35 -31.88 10.22 29.27
N SER C 36 -31.22 9.08 29.39
CA SER C 36 -30.23 8.82 30.43
C SER C 36 -28.81 8.85 29.84
N VAL C 37 -27.92 9.62 30.45
CA VAL C 37 -26.60 9.89 29.84
C VAL C 37 -25.37 9.62 30.77
N LEU C 38 -24.35 9.01 30.20
CA LEU C 38 -23.09 8.78 30.90
C LEU C 38 -21.95 9.63 30.26
N TYR C 39 -21.44 10.57 31.03
CA TYR C 39 -20.35 11.45 30.60
C TYR C 39 -19.12 10.67 30.23
N ILE C 40 -18.60 10.90 29.05
CA ILE C 40 -17.39 10.18 28.60
C ILE C 40 -16.16 10.89 29.13
N GLU C 41 -15.32 10.10 29.79
CA GLU C 41 -14.12 10.59 30.44
C GLU C 41 -13.09 9.49 30.57
N GLY C 42 -11.86 9.92 30.83
CA GLY C 42 -10.69 9.04 30.89
C GLY C 42 -10.81 7.80 31.74
N HIS C 43 -11.33 7.93 32.96
CA HIS C 43 -11.37 6.80 33.89
C HIS C 43 -12.79 6.30 34.19
N ASN C 45 -16.53 4.14 33.92
CA ASN C 45 -17.01 2.78 34.03
C ASN C 45 -18.31 2.69 33.24
N PRO C 46 -18.35 1.81 32.22
CA PRO C 46 -19.49 1.69 31.30
C PRO C 46 -20.80 1.22 31.95
N LYS C 47 -20.68 0.41 33.00
CA LYS C 47 -21.85 -0.16 33.65
C LYS C 47 -22.46 0.77 34.72
N LYS C 49 -24.47 4.03 36.12
CA LYS C 49 -25.78 4.48 35.72
C LYS C 49 -25.74 5.90 35.15
N GLY C 50 -26.63 6.15 34.18
CA GLY C 50 -26.70 7.43 33.52
C GLY C 50 -27.25 8.52 34.41
N PHE C 51 -27.04 9.76 33.98
CA PHE C 51 -27.59 10.93 34.62
C PHE C 51 -28.80 11.32 33.78
N THR C 52 -30.01 11.16 34.32
CA THR C 52 -31.20 11.49 33.54
C THR C 52 -31.24 12.98 33.27
N VAL C 53 -31.36 13.35 31.99
CA VAL C 53 -31.38 14.75 31.60
C VAL C 53 -32.51 15.02 30.63
N SER C 54 -32.83 16.30 30.45
CA SER C 54 -33.76 16.77 29.43
C SER C 54 -33.22 16.49 28.04
N LEU C 55 -34.12 16.22 27.10
CA LEU C 55 -33.77 15.97 25.71
C LEU C 55 -33.37 17.28 25.04
N LYS C 56 -34.24 18.28 25.13
CA LYS C 56 -33.94 19.62 24.62
C LYS C 56 -32.52 20.08 25.01
N SER C 57 -32.05 19.65 26.18
CA SER C 57 -30.80 20.17 26.73
C SER C 57 -29.53 19.49 26.19
N LEU C 58 -29.70 18.51 25.30
CA LEU C 58 -28.57 17.83 24.68
C LEU C 58 -28.27 18.44 23.31
N LYS C 59 -27.04 18.25 22.83
CA LYS C 59 -26.70 18.54 21.45
C LYS C 59 -26.00 17.31 20.88
N HIS C 60 -26.15 17.09 19.58
CA HIS C 60 -25.42 15.97 18.96
C HIS C 60 -23.93 16.24 19.00
N PHE C 61 -23.15 15.20 19.22
CA PHE C 61 -21.71 15.39 19.34
C PHE C 61 -21.23 16.21 18.16
N ASP C 62 -21.66 15.81 16.97
CA ASP C 62 -21.19 16.40 15.70
C ASP C 62 -21.94 17.68 15.28
N CYS C 63 -22.51 18.40 16.24
CA CYS C 63 -23.27 19.62 15.93
C CYS C 63 -22.37 20.71 15.32
N LYS C 64 -22.99 21.77 14.80
CA LYS C 64 -22.23 22.86 14.15
C LYS C 64 -21.20 23.49 15.11
N GLU C 65 -21.66 23.87 16.30
CA GLU C 65 -20.80 24.53 17.28
C GLU C 65 -19.81 23.59 18.00
N LYS C 66 -19.63 22.37 17.47
CA LYS C 66 -18.74 21.39 18.08
C LYS C 66 -17.34 21.91 18.37
N GLN C 67 -16.70 22.48 17.35
CA GLN C 67 -15.36 22.99 17.52
C GLN C 67 -15.26 24.05 18.62
N THR C 68 -16.27 24.91 18.75
CA THR C 68 -16.23 25.88 19.82
C THR C 68 -16.42 25.24 21.20
N LEU C 69 -17.06 24.08 21.25
CA LEU C 69 -17.27 23.42 22.52
C LEU C 69 -15.96 22.81 22.93
N LEU C 70 -15.32 22.11 22.01
CA LEU C 70 -14.03 21.49 22.29
C LEU C 70 -13.05 22.53 22.84
N ASN C 71 -13.00 23.67 22.16
CA ASN C 71 -12.04 24.71 22.42
C ASN C 71 -12.24 25.24 23.85
N GLN C 72 -13.52 25.40 24.19
CA GLN C 72 -13.96 25.84 25.52
C GLN C 72 -13.49 24.87 26.61
N ALA C 73 -13.62 23.58 26.30
CA ALA C 73 -13.21 22.54 27.19
C ALA C 73 -11.68 22.40 27.22
N ARG C 74 -10.99 22.67 26.11
CA ARG C 74 -9.52 22.58 26.08
C ARG C 74 -8.87 23.65 26.95
N GLU C 75 -9.65 24.64 27.38
CA GLU C 75 -9.14 25.79 28.13
C GLU C 75 -9.30 25.61 29.64
N ASP C 76 -10.25 24.73 29.99
CA ASP C 76 -10.62 24.52 31.38
C ASP C 76 -10.13 23.14 31.92
N PHE C 77 -10.21 22.13 31.07
CA PHE C 77 -9.85 20.76 31.38
C PHE C 77 -9.09 20.18 30.19
N ASN C 78 -7.94 20.76 29.91
CA ASN C 78 -7.17 20.39 28.72
C ASN C 78 -6.90 18.90 28.61
N GLN C 79 -6.32 18.32 29.66
CA GLN C 79 -5.95 16.91 29.70
C GLN C 79 -7.17 16.00 29.68
N ASP C 80 -8.19 16.39 30.45
CA ASP C 80 -9.45 15.66 30.54
C ASP C 80 -10.14 15.52 29.19
N ILE C 81 -10.36 16.63 28.51
CA ILE C 81 -10.98 16.58 27.19
C ILE C 81 -10.07 15.84 26.19
N GLY C 82 -8.76 15.95 26.40
CA GLY C 82 -7.80 15.24 25.56
C GLY C 82 -8.14 13.77 25.51
N TRP C 83 -8.16 13.17 26.70
CA TRP C 83 -8.40 11.76 26.86
C TRP C 83 -9.77 11.45 26.32
N CYS C 84 -10.71 12.29 26.67
CA CYS C 84 -12.06 12.10 26.23
C CYS C 84 -12.10 11.86 24.71
N VAL C 85 -11.53 12.77 23.91
CA VAL C 85 -11.55 12.58 22.46
C VAL C 85 -10.66 11.45 21.96
N SER C 86 -9.50 11.20 22.58
CA SER C 86 -8.66 10.07 22.13
C SER C 86 -9.55 8.83 22.06
N LEU C 87 -10.41 8.68 23.08
CA LEU C 87 -11.33 7.54 23.16
C LEU C 87 -12.34 7.58 22.03
N ILE C 88 -12.99 8.72 21.86
CA ILE C 88 -13.97 8.87 20.79
C ILE C 88 -13.37 8.67 19.41
N THR C 89 -12.22 9.30 19.16
CA THR C 89 -11.55 9.18 17.86
C THR C 89 -11.23 7.72 17.59
N ASP C 90 -10.68 7.04 18.60
CA ASP C 90 -10.27 5.68 18.42
C ASP C 90 -11.48 4.79 18.17
N TYR C 91 -12.57 5.04 18.90
CA TYR C 91 -13.75 4.24 18.71
C TYR C 91 -14.29 4.34 17.29
N ARG C 92 -14.34 5.57 16.77
CA ARG C 92 -14.90 5.81 15.46
C ARG C 92 -14.00 5.32 14.34
N VAL C 93 -12.69 5.47 14.53
CA VAL C 93 -11.73 5.00 13.53
C VAL C 93 -11.72 3.49 13.47
N ARG C 94 -12.30 2.85 14.46
CA ARG C 94 -12.32 1.39 14.49
C ARG C 94 -13.64 0.84 13.96
N LEU C 95 -14.73 1.44 14.41
CA LEU C 95 -16.09 1.12 13.99
C LEU C 95 -16.21 1.32 12.49
N GLY C 96 -15.76 2.49 12.02
CA GLY C 96 -15.68 2.79 10.59
C GLY C 96 -14.87 1.79 9.81
N CYS C 97 -13.66 1.49 10.29
CA CYS C 97 -12.76 0.56 9.60
C CYS C 97 -13.29 -0.87 9.49
N GLY C 98 -14.24 -1.21 10.37
CA GLY C 98 -14.83 -2.55 10.40
C GLY C 98 -14.10 -3.50 11.32
N SER C 99 -13.05 -3.00 11.97
CA SER C 99 -12.26 -3.79 12.90
C SER C 99 -12.93 -3.98 14.25
N PHE C 100 -14.00 -3.22 14.53
CA PHE C 100 -14.76 -3.42 15.77
C PHE C 100 -16.26 -3.43 15.56
N ALA C 101 -16.89 -4.50 16.01
CA ALA C 101 -18.30 -4.78 15.72
C ALA C 101 -19.36 -3.83 16.30
N GLY C 102 -19.28 -3.51 17.60
CA GLY C 102 -20.42 -2.90 18.33
C GLY C 102 -20.44 -1.48 18.91
N SER C 103 -20.90 -1.35 20.15
CA SER C 103 -21.21 -0.01 20.69
C SER C 103 -20.03 0.67 21.38
N PHE C 104 -20.19 1.96 21.71
CA PHE C 104 -19.09 2.67 22.34
C PHE C 104 -18.74 2.11 23.72
N LEU C 105 -19.76 1.86 24.53
CA LEU C 105 -19.52 1.33 25.88
C LEU C 105 -18.92 -0.07 25.79
N GLU C 106 -19.38 -0.83 24.78
CA GLU C 106 -18.85 -2.16 24.50
C GLU C 106 -17.37 -2.03 24.14
N TYR C 107 -17.08 -1.11 23.23
CA TYR C 107 -15.71 -0.76 22.88
C TYR C 107 -14.89 -0.44 24.14
N TYR C 108 -15.47 0.35 25.03
CA TYR C 108 -14.71 0.77 26.21
C TYR C 108 -14.24 -0.43 27.02
N ALA C 109 -15.14 -1.38 27.28
CA ALA C 109 -14.82 -2.61 28.04
C ALA C 109 -13.95 -3.61 27.26
N ALA C 110 -13.89 -3.43 25.92
CA ALA C 110 -13.25 -4.39 25.02
C ALA C 110 -11.76 -4.24 25.04
N ASP C 111 -11.06 -5.33 24.70
CA ASP C 111 -9.61 -5.36 24.77
C ASP C 111 -8.90 -4.40 23.79
N ILE C 112 -9.50 -4.12 22.65
CA ILE C 112 -8.87 -3.20 21.70
C ILE C 112 -8.82 -1.74 22.18
N SER C 113 -9.65 -1.36 23.13
CA SER C 113 -9.54 0.00 23.66
C SER C 113 -8.34 0.15 24.60
N TYR C 114 -7.72 -0.98 24.94
CA TYR C 114 -6.67 -1.01 25.97
C TYR C 114 -5.47 -0.08 25.79
N PRO C 115 -4.89 0.01 24.56
CA PRO C 115 -3.76 0.93 24.47
C PRO C 115 -4.15 2.35 24.87
N VAL C 116 -5.31 2.80 24.39
CA VAL C 116 -5.76 4.15 24.67
C VAL C 116 -6.06 4.35 26.14
N ARG C 117 -6.72 3.37 26.74
CA ARG C 117 -7.05 3.44 28.13
C ARG C 117 -5.77 3.48 28.92
N LYS C 118 -4.75 2.78 28.42
CA LYS C 118 -3.47 2.70 29.12
C LYS C 118 -2.70 4.02 29.04
N SER C 119 -2.75 4.70 27.89
CA SER C 119 -2.05 5.98 27.74
C SER C 119 -2.65 7.00 28.70
N ILE C 120 -3.98 6.95 28.83
CA ILE C 120 -4.71 7.70 29.84
C ILE C 120 -4.20 7.37 31.25
N GLN C 121 -4.19 6.10 31.62
CA GLN C 121 -3.73 5.66 32.96
C GLN C 121 -2.35 6.22 33.28
N GLN C 122 -1.45 6.13 32.31
CA GLN C 122 -0.08 6.61 32.46
C GLN C 122 0.13 8.14 32.35
N ASP C 123 -0.94 8.89 32.09
CA ASP C 123 -0.83 10.35 32.06
C ASP C 123 -0.74 10.99 33.42
N VAL C 124 -1.32 10.31 34.41
CA VAL C 124 -1.04 10.60 35.82
C VAL C 124 0.32 10.00 36.22
N PHE D 5 20.48 -4.95 0.46
CA PHE D 5 20.28 -3.99 1.59
C PHE D 5 20.85 -2.60 1.26
N GLU D 6 20.05 -1.56 1.52
CA GLU D 6 20.41 -0.19 1.17
C GLU D 6 20.12 0.77 2.30
N VAL D 7 20.80 1.92 2.30
CA VAL D 7 20.61 2.94 3.34
C VAL D 7 19.13 3.08 3.64
N GLY D 8 18.76 3.04 4.92
CA GLY D 8 17.38 3.27 5.32
C GLY D 8 16.47 2.06 5.46
N LEU D 10 15.32 -1.66 7.15
CA LEU D 10 15.29 -2.22 8.50
C LEU D 10 15.85 -3.63 8.55
N VAL D 11 16.69 -3.89 9.54
CA VAL D 11 17.38 -5.17 9.64
C VAL D 11 17.44 -5.64 11.08
N TRP D 12 17.85 -6.88 11.27
CA TRP D 12 18.17 -7.42 12.58
C TRP D 12 19.67 -7.60 12.66
N HIS D 13 20.27 -7.23 13.79
CA HIS D 13 21.67 -7.51 14.05
C HIS D 13 21.80 -8.07 15.45
N LYS D 14 22.75 -8.97 15.64
CA LYS D 14 22.96 -9.64 16.92
C LYS D 14 24.37 -9.38 17.47
N HIS D 15 24.45 -8.99 18.74
CA HIS D 15 25.69 -9.06 19.51
C HIS D 15 25.90 -10.42 20.12
N LYS D 16 27.10 -10.69 20.61
CA LYS D 16 27.28 -11.86 21.43
C LYS D 16 26.38 -11.64 22.63
N LYS D 17 25.52 -12.61 22.90
CA LYS D 17 24.77 -12.69 24.16
C LYS D 17 23.59 -11.72 24.27
N TYR D 18 23.30 -11.04 23.16
CA TYR D 18 22.04 -10.32 23.03
C TYR D 18 21.25 -10.90 21.86
N PRO D 19 19.90 -10.80 21.92
CA PRO D 19 19.11 -11.34 20.82
C PRO D 19 19.35 -10.49 19.58
N PHE D 20 18.97 -11.01 18.40
CA PHE D 20 18.93 -10.20 17.19
C PHE D 20 17.97 -9.05 17.49
N TRP D 21 18.38 -7.83 17.15
CA TRP D 21 17.61 -6.62 17.46
C TRP D 21 17.46 -5.72 16.21
N PRO D 22 16.35 -4.97 16.09
CA PRO D 22 16.19 -4.19 14.87
C PRO D 22 17.04 -2.95 14.81
N ALA D 23 17.48 -2.64 13.61
CA ALA D 23 18.34 -1.52 13.35
C ALA D 23 18.01 -0.92 11.98
N VAL D 24 18.55 0.27 11.70
CA VAL D 24 18.42 0.88 10.39
C VAL D 24 19.78 1.24 9.77
N VAL D 25 19.91 0.99 8.47
CA VAL D 25 21.19 1.15 7.78
C VAL D 25 21.53 2.62 7.60
N LYS D 26 22.64 3.05 8.18
CA LYS D 26 23.11 4.39 7.89
C LYS D 26 23.89 4.50 6.57
N SER D 27 24.82 3.59 6.30
CA SER D 27 25.56 3.62 5.02
C SER D 27 25.95 2.22 4.55
N VAL D 28 25.61 1.86 3.31
CA VAL D 28 26.00 0.55 2.75
C VAL D 28 27.28 0.64 1.87
N ARG D 29 28.18 -0.33 1.99
CA ARG D 29 29.45 -0.32 1.24
C ARG D 29 29.65 -1.63 0.46
N GLN D 30 28.74 -1.88 -0.49
CA GLN D 30 28.59 -3.19 -1.12
C GLN D 30 29.88 -3.84 -1.55
N ARG D 31 30.82 -3.02 -2.04
CA ARG D 31 32.11 -3.50 -2.57
C ARG D 31 32.96 -4.26 -1.55
N ASP D 32 32.86 -3.86 -0.28
CA ASP D 32 33.49 -4.61 0.82
C ASP D 32 32.50 -5.40 1.69
N LYS D 33 31.25 -5.48 1.21
CA LYS D 33 30.17 -6.22 1.89
C LYS D 33 30.04 -5.84 3.36
N LYS D 34 29.86 -4.55 3.60
CA LYS D 34 29.79 -3.99 4.96
C LYS D 34 28.65 -2.98 5.05
N ALA D 35 28.37 -2.53 6.26
CA ALA D 35 27.35 -1.52 6.51
C ALA D 35 27.58 -0.77 7.83
N SER D 36 27.24 0.50 7.86
CA SER D 36 27.15 1.22 9.12
C SER D 36 25.69 1.14 9.56
N VAL D 37 25.46 0.72 10.79
CA VAL D 37 24.11 0.40 11.23
C VAL D 37 23.79 1.00 12.59
N LEU D 38 22.51 1.21 12.86
CA LEU D 38 22.11 1.85 14.12
C LEU D 38 20.82 1.24 14.68
N TYR D 39 20.85 0.87 15.95
CA TYR D 39 19.73 0.19 16.62
C TYR D 39 18.52 1.05 16.86
N ILE D 40 17.38 0.39 16.93
CA ILE D 40 16.11 1.07 17.12
C ILE D 40 15.62 0.69 18.52
N GLU D 41 15.99 1.52 19.49
CA GLU D 41 15.53 1.35 20.85
C GLU D 41 14.58 2.54 21.18
N GLY D 42 14.12 2.65 22.42
CA GLY D 42 13.11 3.63 22.82
C GLY D 42 13.59 5.08 22.88
N HIS D 43 14.65 5.32 23.63
CA HIS D 43 15.22 6.64 23.71
C HIS D 43 16.58 6.56 23.00
N ASN D 45 19.30 8.16 19.83
CA ASN D 45 19.70 9.38 19.17
C ASN D 45 19.82 9.16 17.66
N PRO D 46 18.90 9.75 16.87
CA PRO D 46 18.91 9.56 15.42
C PRO D 46 20.08 10.25 14.69
N LYS D 47 20.67 11.27 15.32
CA LYS D 47 21.79 12.02 14.75
C LYS D 47 23.13 11.40 15.15
N LYS D 49 26.16 8.72 15.22
CA LYS D 49 26.81 7.90 14.22
C LYS D 49 26.59 6.43 14.55
N GLY D 50 26.20 5.66 13.54
CA GLY D 50 26.06 4.21 13.66
C GLY D 50 27.39 3.49 13.52
N PHE D 51 27.37 2.17 13.66
CA PHE D 51 28.59 1.35 13.75
C PHE D 51 28.75 0.36 12.60
N THR D 52 30.00 0.08 12.26
CA THR D 52 30.35 -0.75 11.12
C THR D 52 30.12 -2.23 11.42
N VAL D 53 29.41 -2.90 10.51
CA VAL D 53 29.24 -4.35 10.57
C VAL D 53 29.40 -5.00 9.20
N SER D 54 29.59 -6.32 9.18
CA SER D 54 29.52 -7.07 7.94
C SER D 54 28.08 -7.18 7.46
N LEU D 55 27.90 -7.26 6.15
CA LEU D 55 26.60 -7.41 5.51
C LEU D 55 26.04 -8.83 5.69
N LYS D 56 26.94 -9.81 5.79
CA LYS D 56 26.58 -11.22 5.94
C LYS D 56 26.11 -11.57 7.35
N SER D 57 26.24 -10.62 8.28
CA SER D 57 25.84 -10.79 9.67
C SER D 57 24.46 -10.17 9.94
N LEU D 58 23.85 -9.63 8.89
CA LEU D 58 22.56 -8.95 8.95
C LEU D 58 21.42 -9.80 8.40
N LYS D 59 20.19 -9.40 8.71
CA LYS D 59 18.99 -10.01 8.13
C LYS D 59 18.01 -8.91 7.87
N HIS D 60 17.28 -8.99 6.77
CA HIS D 60 16.24 -8.01 6.50
C HIS D 60 15.16 -8.16 7.57
N PHE D 61 14.65 -7.05 8.06
CA PHE D 61 13.64 -7.07 9.09
C PHE D 61 12.50 -8.04 8.80
N ASP D 62 12.14 -8.20 7.53
CA ASP D 62 10.95 -8.96 7.20
C ASP D 62 11.23 -10.42 6.79
N CYS D 63 12.48 -10.86 6.96
CA CYS D 63 12.91 -12.24 6.67
C CYS D 63 11.95 -13.28 7.24
N LYS D 64 12.01 -14.50 6.72
CA LYS D 64 11.09 -15.57 7.14
C LYS D 64 11.02 -15.69 8.67
N GLU D 65 12.18 -15.79 9.33
CA GLU D 65 12.25 -16.05 10.79
C GLU D 65 11.82 -14.85 11.64
N LYS D 66 11.31 -13.80 10.99
CA LYS D 66 11.00 -12.54 11.69
C LYS D 66 10.27 -12.79 12.99
N GLN D 67 9.27 -13.66 12.96
CA GLN D 67 8.48 -13.92 14.17
C GLN D 67 9.25 -14.62 15.27
N THR D 68 10.14 -15.53 14.89
CA THR D 68 10.87 -16.31 15.88
C THR D 68 12.00 -15.45 16.46
N LEU D 69 12.36 -14.39 15.76
CA LEU D 69 13.31 -13.40 16.29
C LEU D 69 12.64 -12.41 17.24
N LEU D 70 11.44 -11.99 16.84
CA LEU D 70 10.52 -11.24 17.70
C LEU D 70 10.23 -12.00 19.00
N ASN D 71 9.90 -13.28 18.86
CA ASN D 71 9.62 -14.11 20.03
C ASN D 71 10.83 -14.21 20.92
N GLN D 72 12.01 -14.32 20.30
CA GLN D 72 13.28 -14.45 20.99
C GLN D 72 13.62 -13.21 21.83
N ALA D 73 13.54 -12.03 21.20
CA ALA D 73 13.75 -10.73 21.85
C ALA D 73 12.74 -10.45 22.98
N ARG D 74 11.51 -10.95 22.82
CA ARG D 74 10.47 -10.83 23.85
C ARG D 74 10.76 -11.64 25.11
N GLU D 75 11.73 -12.54 25.07
CA GLU D 75 12.04 -13.35 26.25
C GLU D 75 12.54 -12.50 27.41
N ASP D 76 13.67 -11.83 27.20
CA ASP D 76 14.27 -11.00 28.24
C ASP D 76 13.87 -9.53 28.12
N PHE D 77 13.58 -9.07 26.91
CA PHE D 77 13.38 -7.64 26.68
C PHE D 77 11.98 -7.22 26.19
N ASN D 78 10.94 -7.81 26.74
CA ASN D 78 9.58 -7.63 26.24
C ASN D 78 9.17 -6.17 25.99
N GLN D 79 9.21 -5.35 27.05
CA GLN D 79 8.94 -3.93 26.94
C GLN D 79 9.71 -3.26 25.81
N ASP D 80 11.04 -3.40 25.84
CA ASP D 80 11.93 -2.66 24.96
C ASP D 80 11.66 -2.94 23.51
N ILE D 81 11.47 -4.23 23.21
CA ILE D 81 11.22 -4.64 21.85
C ILE D 81 9.85 -4.17 21.40
N GLY D 82 8.87 -4.25 22.30
CA GLY D 82 7.55 -3.67 22.06
C GLY D 82 7.63 -2.20 21.68
N TRP D 83 8.55 -1.47 22.31
CA TRP D 83 8.76 -0.04 22.04
C TRP D 83 9.35 0.13 20.67
N CYS D 84 10.33 -0.73 20.39
CA CYS D 84 10.95 -0.80 19.11
C CYS D 84 9.86 -1.02 18.02
N VAL D 85 9.03 -2.05 18.19
CA VAL D 85 7.96 -2.41 17.23
C VAL D 85 6.93 -1.28 16.98
N SER D 86 6.55 -0.59 18.05
CA SER D 86 5.67 0.58 17.99
C SER D 86 6.19 1.63 17.01
N LEU D 87 7.44 2.06 17.20
CA LEU D 87 8.05 3.05 16.32
C LEU D 87 8.04 2.53 14.86
N ILE D 88 8.55 1.32 14.67
CA ILE D 88 8.63 0.73 13.36
C ILE D 88 7.26 0.62 12.67
N THR D 89 6.30 0.02 13.36
CA THR D 89 4.97 -0.11 12.78
C THR D 89 4.41 1.28 12.45
N ASP D 90 4.43 2.17 13.44
CA ASP D 90 3.85 3.48 13.21
C ASP D 90 4.49 4.15 12.00
N TYR D 91 5.82 4.18 11.96
CA TYR D 91 6.51 4.76 10.82
C TYR D 91 6.01 4.19 9.50
N ARG D 92 5.78 2.89 9.47
CA ARG D 92 5.33 2.24 8.26
C ARG D 92 3.89 2.57 7.85
N VAL D 93 3.01 2.73 8.83
CA VAL D 93 1.64 3.14 8.54
C VAL D 93 1.66 4.54 7.94
N ARG D 94 2.46 5.43 8.51
CA ARG D 94 2.49 6.82 8.02
C ARG D 94 3.16 6.90 6.67
N LEU D 95 4.24 6.14 6.49
CA LEU D 95 4.91 6.06 5.19
C LEU D 95 3.95 5.55 4.10
N GLY D 96 3.42 4.34 4.34
CA GLY D 96 2.50 3.66 3.45
C GLY D 96 1.28 4.46 3.07
N CYS D 97 0.82 5.33 3.99
CA CYS D 97 -0.30 6.21 3.70
C CYS D 97 0.06 7.39 2.84
N GLY D 98 1.26 7.93 3.02
CA GLY D 98 1.60 9.24 2.48
C GLY D 98 1.20 10.36 3.43
N SER D 99 1.21 10.05 4.75
CA SER D 99 1.17 11.07 5.78
C SER D 99 2.59 11.55 6.01
N PHE D 100 3.56 10.67 5.75
CA PHE D 100 4.97 11.02 5.95
C PHE D 100 5.83 10.64 4.75
N ALA D 101 6.72 11.54 4.36
CA ALA D 101 7.67 11.23 3.29
C ALA D 101 9.11 11.48 3.73
N GLY D 102 9.72 10.48 4.36
CA GLY D 102 11.08 10.64 4.83
C GLY D 102 11.60 9.32 5.34
N SER D 103 12.84 9.33 5.82
CA SER D 103 13.51 8.14 6.31
C SER D 103 13.00 7.86 7.70
N PHE D 104 13.25 6.66 8.21
CA PHE D 104 12.85 6.34 9.58
C PHE D 104 13.34 7.35 10.63
N LEU D 105 14.61 7.75 10.52
CA LEU D 105 15.22 8.62 11.55
C LEU D 105 14.72 10.07 11.47
N GLU D 106 14.34 10.52 10.29
CA GLU D 106 13.67 11.82 10.16
C GLU D 106 12.32 11.79 10.89
N TYR D 107 11.59 10.71 10.67
CA TYR D 107 10.36 10.41 11.39
C TYR D 107 10.56 10.58 12.89
N TYR D 108 11.60 9.94 13.42
CA TYR D 108 11.89 9.95 14.85
C TYR D 108 12.11 11.36 15.42
N ALA D 109 12.80 12.20 14.64
CA ALA D 109 13.08 13.57 15.05
C ALA D 109 11.86 14.45 14.88
N ALA D 110 10.85 13.92 14.20
CA ALA D 110 9.74 14.74 13.74
C ALA D 110 8.54 14.68 14.68
N ASP D 111 7.81 15.79 14.74
CA ASP D 111 6.60 15.91 15.57
C ASP D 111 5.68 14.69 15.49
N ILE D 112 5.36 14.24 14.28
CA ILE D 112 4.41 13.12 14.12
C ILE D 112 4.62 11.91 15.02
N SER D 113 5.87 11.64 15.40
CA SER D 113 6.22 10.50 16.25
C SER D 113 6.11 10.79 17.75
N TYR D 114 5.79 12.03 18.11
CA TYR D 114 5.73 12.41 19.52
C TYR D 114 4.80 11.50 20.36
N PRO D 115 3.55 11.27 19.91
CA PRO D 115 2.66 10.41 20.71
C PRO D 115 3.28 9.04 21.03
N VAL D 116 3.87 8.40 20.01
CA VAL D 116 4.59 7.14 20.18
C VAL D 116 5.84 7.35 21.03
N ARG D 117 6.55 8.45 20.85
CA ARG D 117 7.70 8.69 21.69
C ARG D 117 7.32 9.02 23.14
N LYS D 118 6.21 9.75 23.34
CA LYS D 118 5.76 10.15 24.67
C LYS D 118 5.15 8.99 25.46
N SER D 119 4.67 7.95 24.79
CA SER D 119 4.13 6.79 25.50
C SER D 119 5.26 5.88 25.95
N ILE D 120 6.31 5.83 25.15
CA ILE D 120 7.52 5.19 25.61
C ILE D 120 8.01 5.89 26.87
N GLN D 121 8.21 7.20 26.78
CA GLN D 121 8.57 8.01 27.94
C GLN D 121 7.80 7.58 29.18
N GLN D 122 6.47 7.49 29.06
CA GLN D 122 5.59 7.22 30.20
C GLN D 122 5.60 5.75 30.65
N ASP D 123 6.29 4.89 29.92
CA ASP D 123 6.51 3.52 30.37
C ASP D 123 7.63 3.37 31.41
N VAL D 124 8.06 4.50 31.96
CA VAL D 124 8.98 4.53 33.10
C VAL D 124 8.28 5.09 34.34
#